data_2KVY
#
_entry.id   2KVY
#
_cell.length_a   1.000
_cell.length_b   1.000
_cell.length_c   1.000
_cell.angle_alpha   90.00
_cell.angle_beta   90.00
_cell.angle_gamma   90.00
#
_symmetry.space_group_name_H-M   'P 1'
#
loop_
_entity.id
_entity.type
_entity.pdbx_description
1 polymer "DNA (5'-D(*TP*GP*GP*GP*GP*T)-3')"
2 non-polymer 4-amino-1-methyl-N-{1-methyl-5-[(1-methyl-5-{[3-(methylamino)-3-oxopropyl]carbamoyl}-1H-pyrrol-3-yl)carbamoyl]-1H-pyrrol-3-yl}-1H-pyrrole-2-carboxamide
#
_entity_poly.entity_id   1
_entity_poly.type   'polydeoxyribonucleotide'
_entity_poly.pdbx_seq_one_letter_code
;(DT)(DG)(DG)(DG)(DG)(DT)
;
_entity_poly.pdbx_strand_id   A,B,C,D
#